data_2F4Z
#
_entry.id   2F4Z
#
_cell.length_a   74.475
_cell.length_b   141.334
_cell.length_c   77.130
_cell.angle_alpha   90.00
_cell.angle_beta   90.00
_cell.angle_gamma   90.00
#
_symmetry.space_group_name_H-M   'C 2 2 21'
#
loop_
_entity.id
_entity.type
_entity.pdbx_description
1 polymer 'TgTwinScan_2721 - E2 domain'
2 non-polymer GLYCEROL
3 non-polymer 'UNKNOWN ATOM OR ION'
4 water water
#
_entity_poly.entity_id   1
_entity_poly.type   'polypeptide(L)'
_entity_poly.pdbx_seq_one_letter_code
;MGSSHHHHHHSSGRENLYFQGMATAQPRGTPREQARLLKELADIQQLQRAHDSEPAATHSTSHGVSAQIVGGDIHRWRGF
IAGPLGTPYEGGHFTLDIVIPPDYPYNPPKMKFVTKIWHPNISSQTGAICLDILKHEWSPALTIRTALLSIQAMLADPVP
TDPQDAEVAKMMIENHPLFVQTAKLWTETFAKE
;
_entity_poly.pdbx_strand_id   A,B
#
loop_
_chem_comp.id
_chem_comp.type
_chem_comp.name
_chem_comp.formula
GOL non-polymer GLYCEROL 'C3 H8 O3'
UNX non-polymer 'UNKNOWN ATOM OR ION' ?
#
# COMPACT_ATOMS: atom_id res chain seq x y z
N ARG A 32 7.01 -8.78 -17.98
CA ARG A 32 7.27 -8.55 -16.51
C ARG A 32 6.61 -7.25 -16.01
N GLU A 33 6.77 -6.19 -16.82
CA GLU A 33 5.97 -4.94 -16.71
C GLU A 33 4.49 -5.21 -17.05
N GLN A 34 4.28 -5.97 -18.13
CA GLN A 34 2.92 -6.40 -18.49
C GLN A 34 2.29 -7.36 -17.49
N ALA A 35 3.07 -8.30 -16.97
CA ALA A 35 2.57 -9.23 -15.97
C ALA A 35 2.03 -8.49 -14.70
N ARG A 36 2.77 -7.48 -14.23
CA ARG A 36 2.32 -6.68 -13.08
C ARG A 36 1.00 -5.96 -13.37
N LEU A 37 0.93 -5.31 -14.53
CA LEU A 37 -0.24 -4.52 -14.86
C LEU A 37 -1.49 -5.41 -15.02
N LEU A 38 -1.31 -6.57 -15.67
CA LEU A 38 -2.41 -7.58 -15.78
C LEU A 38 -2.90 -8.15 -14.43
N LYS A 39 -1.98 -8.40 -13.51
CA LYS A 39 -2.34 -8.89 -12.20
C LYS A 39 -2.99 -7.81 -11.36
N GLU A 40 -2.53 -6.54 -11.46
CA GLU A 40 -3.25 -5.43 -10.87
C GLU A 40 -4.69 -5.38 -11.32
N LEU A 41 -4.90 -5.39 -12.63
CA LEU A 41 -6.26 -5.46 -13.19
C LEU A 41 -7.14 -6.61 -12.67
N ALA A 42 -6.59 -7.82 -12.69
CA ALA A 42 -7.25 -8.98 -12.08
C ALA A 42 -7.59 -8.78 -10.61
N ASP A 43 -6.65 -8.28 -9.79
CA ASP A 43 -6.99 -8.13 -8.38
C ASP A 43 -8.04 -7.04 -8.22
N ILE A 44 -7.98 -5.98 -9.03
CA ILE A 44 -8.98 -4.93 -8.89
C ILE A 44 -10.39 -5.58 -9.06
N GLN A 45 -10.56 -6.39 -10.10
CA GLN A 45 -11.85 -7.07 -10.35
C GLN A 45 -12.23 -8.07 -9.26
N GLN A 46 -11.26 -8.86 -8.83
CA GLN A 46 -11.51 -9.85 -7.78
C GLN A 46 -12.02 -9.19 -6.47
N LEU A 47 -11.63 -7.93 -6.20
CA LEU A 47 -12.02 -7.23 -4.95
C LEU A 47 -13.39 -6.52 -4.96
N GLY A 64 -17.51 0.26 -4.85
CA GLY A 64 -16.24 0.83 -4.49
C GLY A 64 -15.56 1.28 -5.77
N VAL A 65 -14.49 0.59 -6.17
CA VAL A 65 -13.67 0.99 -7.34
C VAL A 65 -13.48 -0.08 -8.38
N SER A 66 -13.24 0.29 -9.65
CA SER A 66 -12.93 -0.69 -10.67
C SER A 66 -12.20 -0.03 -11.82
N ALA A 67 -11.83 -0.82 -12.83
CA ALA A 67 -10.92 -0.37 -13.88
C ALA A 67 -11.08 -1.25 -15.12
N GLN A 68 -10.78 -0.66 -16.27
CA GLN A 68 -10.76 -1.38 -17.51
C GLN A 68 -9.64 -0.83 -18.31
N ILE A 69 -9.03 -1.68 -19.13
CA ILE A 69 -8.13 -1.18 -20.10
C ILE A 69 -8.91 -0.57 -21.24
N VAL A 70 -8.23 0.28 -22.00
CA VAL A 70 -8.80 1.08 -23.05
C VAL A 70 -8.12 0.81 -24.38
N GLY A 71 -8.91 0.46 -25.39
CA GLY A 71 -8.42 0.36 -26.79
C GLY A 71 -7.43 -0.78 -27.00
N GLY A 72 -7.53 -1.83 -26.19
CA GLY A 72 -6.46 -2.85 -26.15
C GLY A 72 -5.08 -2.55 -25.55
N ASP A 73 -4.85 -1.32 -25.07
CA ASP A 73 -3.55 -0.91 -24.47
C ASP A 73 -3.53 -1.06 -22.93
N ILE A 74 -2.71 -1.94 -22.36
CA ILE A 74 -2.67 -2.10 -20.87
C ILE A 74 -2.03 -0.88 -20.13
N HIS A 75 -1.50 0.08 -20.90
CA HIS A 75 -0.95 1.36 -20.39
C HIS A 75 -1.97 2.49 -20.44
N ARG A 76 -3.20 2.18 -20.88
CA ARG A 76 -4.25 3.18 -20.87
C ARG A 76 -5.49 2.56 -20.24
N TRP A 77 -5.91 3.08 -19.09
CA TRP A 77 -7.03 2.50 -18.37
C TRP A 77 -8.09 3.55 -18.11
N ARG A 78 -9.26 3.07 -17.78
CA ARG A 78 -10.35 3.86 -17.28
C ARG A 78 -10.61 3.38 -15.86
N GLY A 79 -10.68 4.32 -14.89
CA GLY A 79 -10.98 4.01 -13.50
C GLY A 79 -12.43 4.41 -13.22
N PHE A 80 -13.08 3.72 -12.27
CA PHE A 80 -14.46 3.96 -11.88
C PHE A 80 -14.47 4.00 -10.41
N ILE A 81 -15.16 4.99 -9.86
CA ILE A 81 -15.19 5.22 -8.40
C ILE A 81 -16.61 5.60 -8.04
N ALA A 82 -17.11 5.03 -6.97
CA ALA A 82 -18.41 5.35 -6.48
C ALA A 82 -18.28 6.53 -5.51
N GLY A 83 -19.18 7.50 -5.61
CA GLY A 83 -19.22 8.59 -4.63
C GLY A 83 -19.44 7.94 -3.27
N PRO A 84 -18.63 8.34 -2.25
CA PRO A 84 -18.78 7.78 -0.91
C PRO A 84 -20.14 8.16 -0.30
N LEU A 85 -20.64 7.33 0.61
CA LEU A 85 -21.97 7.52 1.22
C LEU A 85 -21.84 8.68 2.20
N GLY A 86 -22.86 9.52 2.30
CA GLY A 86 -22.82 10.70 3.23
C GLY A 86 -21.99 11.85 2.72
N THR A 87 -21.84 11.94 1.41
CA THR A 87 -21.12 13.08 0.81
C THR A 87 -22.07 13.63 -0.26
N PRO A 88 -21.83 14.85 -0.76
CA PRO A 88 -22.63 15.23 -1.91
C PRO A 88 -22.47 14.29 -3.14
N TYR A 89 -21.45 13.43 -3.11
CA TYR A 89 -21.11 12.57 -4.26
C TYR A 89 -21.85 11.25 -4.21
N GLU A 90 -22.56 11.00 -3.11
CA GLU A 90 -23.24 9.73 -2.90
C GLU A 90 -24.16 9.39 -4.06
N GLY A 91 -24.13 8.13 -4.51
CA GLY A 91 -24.89 7.72 -5.67
C GLY A 91 -24.26 8.05 -7.02
N GLY A 92 -23.18 8.82 -7.04
CA GLY A 92 -22.52 9.18 -8.31
C GLY A 92 -21.58 8.04 -8.73
N HIS A 93 -21.31 7.99 -10.01
CA HIS A 93 -20.35 7.08 -10.61
C HIS A 93 -19.38 7.88 -11.41
N PHE A 94 -18.10 7.86 -11.04
CA PHE A 94 -17.10 8.80 -11.59
C PHE A 94 -16.11 8.01 -12.37
N THR A 95 -15.86 8.44 -13.59
CA THR A 95 -14.92 7.85 -14.50
C THR A 95 -13.65 8.66 -14.45
N LEU A 96 -12.51 7.96 -14.42
CA LEU A 96 -11.19 8.54 -14.48
C LEU A 96 -10.44 8.08 -15.73
N ASP A 97 -9.64 8.94 -16.27
CA ASP A 97 -8.69 8.52 -17.28
C ASP A 97 -7.33 8.20 -16.57
N ILE A 98 -6.64 7.12 -16.97
CA ILE A 98 -5.44 6.62 -16.29
C ILE A 98 -4.41 6.34 -17.38
N VAL A 99 -3.32 7.08 -17.33
CA VAL A 99 -2.21 6.90 -18.26
C VAL A 99 -1.10 6.29 -17.44
N ILE A 100 -0.69 5.10 -17.82
CA ILE A 100 0.34 4.42 -17.07
C ILE A 100 1.66 4.66 -17.79
N PRO A 101 2.65 5.33 -17.16
CA PRO A 101 3.90 5.66 -17.86
C PRO A 101 4.79 4.42 -18.15
N PRO A 102 5.73 4.52 -19.13
CA PRO A 102 6.52 3.32 -19.51
C PRO A 102 7.36 2.71 -18.37
N ASP A 103 7.81 3.53 -17.41
CA ASP A 103 8.64 3.01 -16.30
C ASP A 103 7.82 2.83 -15.02
N TYR A 104 6.48 2.76 -15.16
CA TYR A 104 5.67 2.25 -14.06
C TYR A 104 6.30 0.91 -13.68
N PRO A 105 6.36 0.55 -12.39
CA PRO A 105 5.75 1.15 -11.24
C PRO A 105 6.67 2.18 -10.54
N TYR A 106 7.87 2.40 -11.05
CA TYR A 106 8.78 3.36 -10.40
C TYR A 106 8.17 4.73 -10.54
N ASN A 107 7.63 5.04 -11.72
CA ASN A 107 6.87 6.26 -11.96
C ASN A 107 5.35 6.11 -11.78
N PRO A 108 4.71 7.10 -11.13
CA PRO A 108 3.28 6.89 -10.83
C PRO A 108 2.37 7.00 -12.06
N PRO A 109 1.18 6.38 -12.01
CA PRO A 109 0.22 6.61 -13.06
C PRO A 109 -0.25 8.09 -12.99
N LYS A 110 -0.68 8.61 -14.13
CA LYS A 110 -1.35 9.93 -14.20
C LYS A 110 -2.86 9.70 -14.31
N MET A 111 -3.62 10.39 -13.43
CA MET A 111 -5.06 10.20 -13.31
C MET A 111 -5.72 11.54 -13.34
N LYS A 112 -6.87 11.61 -14.00
CA LYS A 112 -7.74 12.81 -13.94
C LYS A 112 -9.19 12.37 -14.08
N PHE A 113 -10.13 13.17 -13.55
CA PHE A 113 -11.54 12.88 -13.74
C PHE A 113 -11.95 13.16 -15.17
N VAL A 114 -12.67 12.21 -15.74
CA VAL A 114 -13.39 12.46 -17.01
C VAL A 114 -14.78 13.03 -16.65
N THR A 115 -15.51 12.38 -15.74
CA THR A 115 -16.81 12.86 -15.23
C THR A 115 -16.64 14.25 -14.56
N LYS A 116 -17.46 15.25 -14.97
CA LYS A 116 -17.52 16.57 -14.29
C LYS A 116 -17.87 16.42 -12.82
N ILE A 117 -17.08 17.08 -11.96
CA ILE A 117 -17.29 16.97 -10.50
C ILE A 117 -16.95 18.35 -9.86
N TRP A 118 -17.70 18.69 -8.83
CA TRP A 118 -17.54 19.96 -8.12
C TRP A 118 -16.86 19.66 -6.79
N HIS A 119 -15.53 19.89 -6.72
CA HIS A 119 -14.76 19.50 -5.49
C HIS A 119 -13.58 20.46 -5.44
N PRO A 120 -13.19 20.99 -4.24
CA PRO A 120 -12.08 21.96 -4.20
C PRO A 120 -10.75 21.40 -4.71
N ASN A 121 -10.56 20.09 -4.56
CA ASN A 121 -9.32 19.37 -4.95
C ASN A 121 -9.29 18.71 -6.36
N ILE A 122 -10.30 19.04 -7.17
CA ILE A 122 -10.38 18.59 -8.54
C ILE A 122 -10.76 19.76 -9.40
N SER A 123 -10.06 19.96 -10.50
CA SER A 123 -10.41 21.04 -11.41
C SER A 123 -11.82 20.82 -12.04
N SER A 124 -12.69 21.83 -11.88
CA SER A 124 -14.10 21.75 -12.37
C SER A 124 -14.12 21.84 -13.86
N GLN A 125 -13.01 22.31 -14.42
CA GLN A 125 -12.90 22.52 -15.85
C GLN A 125 -12.24 21.38 -16.60
N THR A 126 -11.14 20.83 -16.05
CA THR A 126 -10.31 19.81 -16.72
C THR A 126 -10.21 18.44 -16.02
N GLY A 127 -10.71 18.32 -14.79
CA GLY A 127 -10.68 17.04 -14.09
C GLY A 127 -9.35 16.77 -13.41
N ALA A 128 -8.43 17.73 -13.47
CA ALA A 128 -7.07 17.51 -12.94
C ALA A 128 -7.07 17.43 -11.45
N ILE A 129 -6.22 16.58 -10.89
CA ILE A 129 -6.14 16.42 -9.43
C ILE A 129 -4.66 16.50 -8.99
N CYS A 130 -4.40 16.60 -7.69
CA CYS A 130 -3.01 16.62 -7.19
C CYS A 130 -3.05 15.81 -5.94
N LEU A 131 -2.74 14.52 -6.05
CA LEU A 131 -2.78 13.65 -4.92
C LEU A 131 -1.38 13.36 -4.51
N ASP A 132 -1.12 13.48 -3.22
CA ASP A 132 0.19 13.18 -2.63
C ASP A 132 0.64 11.77 -3.01
N ILE A 133 -0.28 10.80 -3.02
CA ILE A 133 0.09 9.40 -3.35
C ILE A 133 0.47 9.22 -4.84
N LEU A 134 0.02 10.12 -5.71
CA LEU A 134 0.49 10.05 -7.08
C LEU A 134 1.73 10.97 -7.26
N LYS A 135 2.23 11.52 -6.16
CA LYS A 135 3.36 12.47 -6.25
C LYS A 135 4.46 12.00 -5.33
N HIS A 136 4.83 12.84 -4.36
CA HIS A 136 5.98 12.49 -3.46
C HIS A 136 5.68 11.28 -2.57
N GLU A 137 4.40 10.87 -2.40
CA GLU A 137 4.10 9.66 -1.56
C GLU A 137 3.90 8.38 -2.43
N TRP A 138 4.11 8.49 -3.74
CA TRP A 138 4.14 7.30 -4.56
C TRP A 138 5.28 6.34 -4.14
N SER A 139 5.02 5.04 -4.26
CA SER A 139 6.08 3.99 -4.23
C SER A 139 5.66 2.85 -5.18
N PRO A 140 6.63 2.13 -5.78
CA PRO A 140 6.28 0.89 -6.54
C PRO A 140 5.57 -0.17 -5.70
N ALA A 141 5.69 -0.12 -4.37
CA ALA A 141 4.94 -1.04 -3.50
C ALA A 141 3.44 -0.76 -3.49
N LEU A 142 3.02 0.43 -4.00
CA LEU A 142 1.56 0.77 -4.06
C LEU A 142 0.96 0.30 -5.38
N THR A 143 -0.34 0.45 -5.50
CA THR A 143 -0.98 -0.05 -6.72
C THR A 143 -1.89 1.04 -7.23
N ILE A 144 -2.27 0.92 -8.50
CA ILE A 144 -3.38 1.72 -9.08
C ILE A 144 -4.65 1.70 -8.19
N ARG A 145 -5.01 0.54 -7.66
CA ARG A 145 -6.11 0.46 -6.68
C ARG A 145 -6.07 1.34 -5.42
N THR A 146 -4.94 1.30 -4.72
CA THR A 146 -4.68 2.21 -3.61
C THR A 146 -4.77 3.68 -4.08
N ALA A 147 -4.33 4.03 -5.29
CA ALA A 147 -4.58 5.39 -5.81
C ALA A 147 -6.06 5.73 -5.96
N LEU A 148 -6.85 4.85 -6.60
CA LEU A 148 -8.31 4.97 -6.70
C LEU A 148 -9.00 5.06 -5.35
N LEU A 149 -8.62 4.20 -4.42
CA LEU A 149 -9.19 4.29 -3.07
C LEU A 149 -8.82 5.63 -2.40
N SER A 150 -7.61 6.08 -2.64
CA SER A 150 -7.20 7.32 -2.05
C SER A 150 -7.96 8.52 -2.70
N ILE A 151 -8.28 8.42 -3.99
CA ILE A 151 -9.09 9.44 -4.66
C ILE A 151 -10.53 9.40 -4.08
N GLN A 152 -11.01 8.20 -3.84
CA GLN A 152 -12.33 8.06 -3.29
C GLN A 152 -12.39 8.65 -1.87
N ALA A 153 -11.30 8.54 -1.10
CA ALA A 153 -11.25 9.09 0.25
C ALA A 153 -11.19 10.59 0.18
N MET A 154 -10.47 11.13 -0.80
CA MET A 154 -10.44 12.57 -1.04
C MET A 154 -11.86 13.18 -1.30
N LEU A 155 -12.72 12.46 -2.03
CA LEU A 155 -14.13 12.84 -2.19
C LEU A 155 -14.87 12.90 -0.85
N ALA A 156 -14.47 12.08 0.12
CA ALA A 156 -15.06 12.11 1.46
C ALA A 156 -14.44 13.17 2.40
N ASP A 157 -13.34 13.79 1.99
CA ASP A 157 -12.69 14.77 2.83
C ASP A 157 -12.13 15.95 2.03
N PRO A 158 -13.03 16.80 1.50
CA PRO A 158 -12.68 18.00 0.77
C PRO A 158 -11.86 19.01 1.61
N VAL A 159 -10.83 19.57 0.97
CA VAL A 159 -9.87 20.48 1.61
C VAL A 159 -9.83 21.81 0.85
N PRO A 160 -10.56 22.81 1.35
CA PRO A 160 -10.55 24.17 0.79
C PRO A 160 -9.17 24.75 0.74
N THR A 161 -8.47 24.49 1.85
CA THR A 161 -7.15 25.06 2.22
C THR A 161 -6.09 24.95 1.12
N ASP A 162 -6.12 23.83 0.40
CA ASP A 162 -5.09 23.53 -0.60
C ASP A 162 -5.71 22.96 -1.83
N PRO A 163 -6.25 23.83 -2.72
CA PRO A 163 -7.21 23.46 -3.78
C PRO A 163 -6.68 23.48 -5.22
N GLN A 164 -7.28 22.66 -6.09
CA GLN A 164 -7.01 22.62 -7.53
C GLN A 164 -7.95 23.54 -8.29
N ASP A 165 -9.05 23.88 -7.64
CA ASP A 165 -9.99 24.79 -8.25
C ASP A 165 -10.26 25.97 -7.29
N ALA A 166 -9.75 27.14 -7.70
CA ALA A 166 -9.87 28.40 -6.92
C ALA A 166 -11.32 28.76 -6.67
N GLU A 167 -12.12 28.73 -7.74
CA GLU A 167 -13.55 29.10 -7.64
C GLU A 167 -14.33 28.17 -6.72
N VAL A 168 -14.07 26.86 -6.81
CA VAL A 168 -14.76 25.92 -5.93
C VAL A 168 -14.37 26.12 -4.48
N ALA A 169 -13.06 26.34 -4.27
CA ALA A 169 -12.57 26.66 -2.94
C ALA A 169 -13.20 27.99 -2.47
N LYS A 170 -13.20 29.02 -3.31
CA LYS A 170 -13.83 30.30 -2.91
C LYS A 170 -15.26 30.12 -2.39
N MET A 171 -16.07 29.36 -3.15
CA MET A 171 -17.46 29.09 -2.76
C MET A 171 -17.58 28.32 -1.46
N MET A 172 -16.60 27.50 -1.17
CA MET A 172 -16.73 26.56 -0.07
C MET A 172 -16.49 27.31 1.26
N ILE A 173 -15.81 28.45 1.11
CA ILE A 173 -15.45 29.35 2.21
C ILE A 173 -16.64 30.33 2.45
N GLU A 174 -16.92 31.17 1.47
CA GLU A 174 -18.09 32.06 1.44
C GLU A 174 -19.45 31.38 1.77
N ASN A 175 -19.70 30.22 1.16
CA ASN A 175 -21.01 29.66 1.24
C ASN A 175 -20.91 28.16 1.07
N HIS A 176 -20.68 27.51 2.21
CA HIS A 176 -20.48 26.10 2.25
C HIS A 176 -21.72 25.30 1.89
N PRO A 177 -22.90 25.68 2.44
CA PRO A 177 -24.10 24.91 2.05
C PRO A 177 -24.44 24.99 0.53
N LEU A 178 -24.03 26.06 -0.15
CA LEU A 178 -24.14 26.18 -1.59
C LEU A 178 -23.14 25.22 -2.29
N PHE A 179 -21.92 25.10 -1.74
CA PHE A 179 -20.92 24.23 -2.29
C PHE A 179 -21.49 22.82 -2.33
N VAL A 180 -22.13 22.41 -1.23
CA VAL A 180 -22.64 21.06 -1.09
C VAL A 180 -23.82 20.83 -2.06
N GLN A 181 -24.69 21.85 -2.17
CA GLN A 181 -25.79 21.85 -3.11
C GLN A 181 -25.33 21.75 -4.57
N THR A 182 -24.34 22.53 -4.95
CA THR A 182 -23.70 22.42 -6.23
C THR A 182 -23.11 21.01 -6.47
N ALA A 183 -22.48 20.41 -5.44
CA ALA A 183 -21.73 19.18 -5.62
C ALA A 183 -22.75 18.09 -5.83
N LYS A 184 -23.81 18.10 -5.03
CA LYS A 184 -24.90 17.17 -5.20
C LYS A 184 -25.66 17.30 -6.54
N LEU A 185 -25.89 18.50 -7.00
CA LEU A 185 -26.53 18.69 -8.30
C LEU A 185 -25.61 18.23 -9.44
N TRP A 186 -24.32 18.57 -9.37
CA TRP A 186 -23.33 18.08 -10.36
C TRP A 186 -23.30 16.55 -10.36
N THR A 187 -23.33 15.93 -9.19
CA THR A 187 -23.43 14.44 -9.08
C THR A 187 -24.69 13.89 -9.83
N GLU A 188 -25.84 14.51 -9.59
CA GLU A 188 -27.12 14.06 -10.15
C GLU A 188 -27.13 14.29 -11.62
N THR A 189 -26.48 15.36 -12.05
CA THR A 189 -26.47 15.75 -13.42
C THR A 189 -25.46 14.98 -14.29
N PHE A 190 -24.24 14.80 -13.80
CA PHE A 190 -23.12 14.30 -14.61
C PHE A 190 -22.60 12.93 -14.22
N ALA A 191 -22.98 12.42 -13.06
CA ALA A 191 -22.34 11.23 -12.52
C ALA A 191 -23.38 10.13 -12.32
N LYS A 192 -24.51 10.29 -13.00
CA LYS A 192 -25.74 9.49 -12.72
C LYS A 192 -26.51 9.29 -14.01
N GLU B 33 0.22 11.95 15.29
CA GLU B 33 1.34 10.94 15.23
C GLU B 33 1.07 9.67 16.08
N GLN B 34 0.70 9.89 17.35
CA GLN B 34 0.25 8.85 18.25
C GLN B 34 -1.03 8.26 17.70
N ALA B 35 -1.93 9.11 17.20
CA ALA B 35 -3.23 8.62 16.74
C ALA B 35 -3.07 7.69 15.53
N ARG B 36 -2.07 7.97 14.69
CA ARG B 36 -1.77 7.09 13.55
C ARG B 36 -1.31 5.69 14.02
N LEU B 37 -0.31 5.64 14.89
CA LEU B 37 0.16 4.36 15.42
C LEU B 37 -0.91 3.54 16.16
N LEU B 38 -1.68 4.24 17.01
CA LEU B 38 -2.82 3.61 17.75
C LEU B 38 -3.87 3.07 16.80
N LYS B 39 -4.22 3.82 15.78
CA LYS B 39 -5.10 3.28 14.74
C LYS B 39 -4.50 2.09 13.99
N GLU B 40 -3.23 2.18 13.56
CA GLU B 40 -2.60 1.05 12.85
C GLU B 40 -2.61 -0.19 13.73
N LEU B 41 -2.24 -0.01 15.01
CA LEU B 41 -2.14 -1.11 15.95
C LEU B 41 -3.51 -1.82 16.14
N ALA B 42 -4.57 -1.03 16.25
CA ALA B 42 -5.92 -1.57 16.38
C ALA B 42 -6.24 -2.36 15.14
N ASP B 43 -6.17 -1.72 13.97
CA ASP B 43 -6.45 -2.40 12.70
C ASP B 43 -5.70 -3.72 12.49
N ILE B 44 -4.42 -3.73 12.88
CA ILE B 44 -3.61 -4.94 12.81
C ILE B 44 -4.27 -6.05 13.62
N GLN B 45 -4.59 -5.73 14.87
CA GLN B 45 -5.19 -6.69 15.81
C GLN B 45 -6.63 -7.17 15.45
N GLN B 46 -7.45 -6.30 14.84
CA GLN B 46 -8.84 -6.65 14.42
C GLN B 46 -8.89 -7.82 13.45
N GLY B 64 -1.68 -15.46 9.63
CA GLY B 64 -1.27 -14.24 8.92
C GLY B 64 -0.24 -13.48 9.75
N VAL B 65 -0.56 -12.21 10.04
CA VAL B 65 0.42 -11.34 10.69
C VAL B 65 -0.25 -10.53 11.80
N SER B 66 0.52 -10.23 12.83
CA SER B 66 0.00 -9.38 13.90
C SER B 66 1.11 -8.64 14.58
N ALA B 67 0.76 -7.77 15.53
CA ALA B 67 1.73 -7.06 16.37
C ALA B 67 1.15 -6.64 17.72
N GLN B 68 2.03 -6.30 18.64
CA GLN B 68 1.57 -5.76 19.87
C GLN B 68 2.63 -4.86 20.37
N ILE B 69 2.25 -3.89 21.17
CA ILE B 69 3.22 -3.06 21.90
C ILE B 69 4.07 -3.93 22.86
N VAL B 70 5.36 -3.61 23.03
CA VAL B 70 6.27 -4.46 23.80
C VAL B 70 6.05 -4.25 25.35
N GLY B 71 5.99 -2.99 25.76
CA GLY B 71 5.87 -2.65 27.17
C GLY B 71 4.88 -1.50 27.30
N GLY B 72 5.40 -0.28 27.40
CA GLY B 72 4.55 0.90 27.48
C GLY B 72 4.89 1.93 26.43
N ASP B 73 5.87 1.59 25.58
CA ASP B 73 6.30 2.47 24.47
C ASP B 73 5.58 2.11 23.16
N ILE B 74 4.75 3.04 22.69
CA ILE B 74 3.96 2.73 21.52
C ILE B 74 4.77 2.81 20.21
N HIS B 75 6.02 3.27 20.33
CA HIS B 75 6.99 3.22 19.23
C HIS B 75 7.83 1.94 19.25
N ARG B 76 7.46 0.97 20.08
CA ARG B 76 8.16 -0.29 20.08
C ARG B 76 7.16 -1.41 20.14
N TRP B 77 7.14 -2.18 19.05
CA TRP B 77 6.24 -3.30 18.91
C TRP B 77 7.00 -4.60 18.69
N ARG B 78 6.26 -5.68 18.90
CA ARG B 78 6.67 -7.00 18.68
C ARG B 78 5.78 -7.33 17.48
N GLY B 79 6.34 -7.92 16.44
CA GLY B 79 5.56 -8.32 15.26
C GLY B 79 5.52 -9.84 15.23
N PHE B 80 4.49 -10.39 14.62
CA PHE B 80 4.34 -11.84 14.56
C PHE B 80 3.94 -12.21 13.18
N ILE B 81 4.61 -13.21 12.64
CA ILE B 81 4.35 -13.68 11.28
C ILE B 81 4.29 -15.23 11.28
N ALA B 82 3.27 -15.79 10.66
CA ALA B 82 3.14 -17.21 10.50
C ALA B 82 3.94 -17.63 9.30
N GLY B 83 4.70 -18.71 9.40
CA GLY B 83 5.46 -19.21 8.25
C GLY B 83 4.46 -19.66 7.20
N PRO B 84 4.70 -19.31 5.91
CA PRO B 84 3.72 -19.68 4.87
C PRO B 84 3.68 -21.19 4.62
N LEU B 85 2.52 -21.64 4.15
CA LEU B 85 2.25 -23.02 3.78
C LEU B 85 3.06 -23.42 2.59
N GLY B 86 3.52 -24.66 2.59
CA GLY B 86 4.23 -25.15 1.46
C GLY B 86 5.63 -24.64 1.42
N THR B 87 6.08 -24.04 2.53
CA THR B 87 7.46 -23.61 2.61
C THR B 87 8.07 -24.32 3.81
N PRO B 88 9.42 -24.33 3.92
CA PRO B 88 10.17 -24.82 5.11
C PRO B 88 9.78 -24.18 6.45
N TYR B 89 9.12 -23.02 6.40
CA TYR B 89 8.70 -22.19 7.55
C TYR B 89 7.31 -22.50 8.00
N GLU B 90 6.63 -23.35 7.21
CA GLU B 90 5.32 -23.88 7.60
C GLU B 90 5.27 -24.40 9.02
N GLY B 91 4.21 -24.02 9.74
CA GLY B 91 4.06 -24.30 11.16
C GLY B 91 4.80 -23.36 12.11
N GLY B 92 5.72 -22.54 11.59
CA GLY B 92 6.48 -21.63 12.43
C GLY B 92 5.75 -20.35 12.79
N HIS B 93 6.06 -19.85 13.97
CA HIS B 93 5.65 -18.54 14.41
C HIS B 93 6.89 -17.74 14.68
N PHE B 94 7.04 -16.67 13.92
CA PHE B 94 8.22 -15.81 13.96
C PHE B 94 7.89 -14.48 14.57
N THR B 95 8.74 -14.07 15.48
CA THR B 95 8.63 -12.84 16.24
C THR B 95 9.64 -11.89 15.66
N LEU B 96 9.22 -10.64 15.47
CA LEU B 96 10.08 -9.60 15.00
C LEU B 96 10.14 -8.47 16.01
N ASP B 97 11.24 -7.78 16.02
CA ASP B 97 11.38 -6.54 16.73
C ASP B 97 11.07 -5.34 15.77
N ILE B 98 10.23 -4.40 16.21
CA ILE B 98 9.76 -3.27 15.37
C ILE B 98 10.03 -1.95 16.13
N VAL B 99 10.96 -1.15 15.61
CA VAL B 99 11.25 0.15 16.17
C VAL B 99 10.66 1.19 15.20
N ILE B 100 9.66 1.92 15.67
CA ILE B 100 9.00 3.00 14.92
C ILE B 100 9.68 4.35 15.28
N PRO B 101 10.36 4.96 14.31
CA PRO B 101 11.15 6.14 14.59
C PRO B 101 10.28 7.39 14.92
N PRO B 102 10.90 8.43 15.53
CA PRO B 102 10.17 9.66 15.95
C PRO B 102 9.22 10.24 14.85
N ASP B 103 9.72 10.22 13.62
CA ASP B 103 9.16 10.94 12.49
C ASP B 103 8.35 10.04 11.56
N TYR B 104 7.97 8.86 12.03
CA TYR B 104 7.03 7.99 11.36
C TYR B 104 5.76 8.86 11.14
N PRO B 105 5.03 8.73 9.98
CA PRO B 105 5.21 7.80 8.84
C PRO B 105 6.18 8.19 7.72
N TYR B 106 6.96 9.24 7.90
CA TYR B 106 7.86 9.66 6.82
C TYR B 106 9.13 8.84 6.84
N ASN B 107 9.57 8.44 8.04
CA ASN B 107 10.63 7.50 8.20
C ASN B 107 10.05 6.07 8.47
N PRO B 108 10.58 5.04 7.74
CA PRO B 108 9.99 3.69 7.90
C PRO B 108 10.26 3.10 9.25
N PRO B 109 9.44 2.10 9.63
CA PRO B 109 9.85 1.30 10.79
C PRO B 109 11.20 0.58 10.57
N LYS B 110 11.93 0.28 11.64
CA LYS B 110 13.02 -0.67 11.58
C LYS B 110 12.58 -2.00 12.15
N MET B 111 12.79 -3.05 11.37
CA MET B 111 12.35 -4.43 11.74
C MET B 111 13.50 -5.45 11.58
N LYS B 112 13.54 -6.44 12.47
CA LYS B 112 14.47 -7.56 12.40
C LYS B 112 13.79 -8.75 13.05
N PHE B 113 14.26 -9.95 12.70
CA PHE B 113 13.66 -11.18 13.23
C PHE B 113 14.21 -11.35 14.61
N VAL B 114 13.37 -11.63 15.58
CA VAL B 114 13.90 -12.05 16.91
C VAL B 114 14.15 -13.58 16.84
N THR B 115 13.13 -14.34 16.46
CA THR B 115 13.25 -15.74 16.14
C THR B 115 14.38 -15.98 15.13
N LYS B 116 15.28 -16.92 15.46
CA LYS B 116 16.28 -17.46 14.54
C LYS B 116 15.60 -18.14 13.35
N ILE B 117 16.19 -17.94 12.17
CA ILE B 117 15.55 -18.41 10.94
C ILE B 117 16.64 -18.62 9.91
N TRP B 118 16.44 -19.64 9.06
CA TRP B 118 17.43 -20.00 8.04
C TRP B 118 16.81 -19.62 6.66
N HIS B 119 17.29 -18.51 6.10
CA HIS B 119 16.65 -17.84 4.92
C HIS B 119 17.75 -16.98 4.31
N PRO B 120 17.93 -17.04 2.96
CA PRO B 120 19.02 -16.26 2.37
C PRO B 120 18.95 -14.73 2.53
N ASN B 121 17.74 -14.20 2.72
CA ASN B 121 17.52 -12.75 2.87
C ASN B 121 17.32 -12.25 4.32
N ILE B 122 17.72 -13.09 5.27
CA ILE B 122 17.66 -12.75 6.72
C ILE B 122 18.93 -13.29 7.32
N SER B 123 19.66 -12.48 8.10
CA SER B 123 20.81 -12.99 8.80
C SER B 123 20.48 -14.11 9.82
N SER B 124 21.19 -15.23 9.74
CA SER B 124 20.98 -16.39 10.63
C SER B 124 21.50 -16.07 11.99
N GLN B 125 22.45 -15.15 12.00
CA GLN B 125 23.17 -14.75 13.20
C GLN B 125 22.41 -13.68 13.96
N THR B 126 21.91 -12.65 13.27
CA THR B 126 21.34 -11.50 13.97
C THR B 126 19.85 -11.24 13.66
N GLY B 127 19.31 -11.86 12.61
CA GLY B 127 17.92 -11.58 12.18
C GLY B 127 17.71 -10.30 11.38
N ALA B 128 18.79 -9.64 11.02
CA ALA B 128 18.74 -8.46 10.14
C ALA B 128 18.11 -8.75 8.76
N ILE B 129 17.32 -7.82 8.26
CA ILE B 129 16.72 -8.03 6.95
C ILE B 129 16.98 -6.75 6.15
N CYS B 130 16.79 -6.80 4.86
CA CYS B 130 16.93 -5.58 4.11
C CYS B 130 15.83 -5.58 3.06
N LEU B 131 14.66 -5.05 3.39
CA LEU B 131 13.44 -5.17 2.60
C LEU B 131 13.30 -3.88 1.86
N ASP B 132 13.04 -3.93 0.55
CA ASP B 132 12.90 -2.71 -0.22
C ASP B 132 11.82 -1.80 0.35
N ILE B 133 10.70 -2.40 0.77
CA ILE B 133 9.56 -1.60 1.33
C ILE B 133 9.97 -0.80 2.57
N LEU B 134 11.01 -1.26 3.27
CA LEU B 134 11.45 -0.60 4.46
C LEU B 134 12.56 0.40 4.15
N LYS B 135 12.87 0.54 2.86
CA LYS B 135 13.99 1.41 2.39
C LYS B 135 13.47 2.32 1.31
N HIS B 136 14.00 2.16 0.10
CA HIS B 136 13.73 3.14 -1.00
C HIS B 136 12.29 3.03 -1.47
N GLU B 137 11.62 1.93 -1.13
CA GLU B 137 10.22 1.76 -1.51
C GLU B 137 9.24 2.11 -0.38
N TRP B 138 9.75 2.67 0.71
CA TRP B 138 8.88 3.15 1.80
C TRP B 138 8.08 4.37 1.30
N SER B 139 6.84 4.49 1.78
CA SER B 139 6.01 5.68 1.56
C SER B 139 5.11 5.88 2.78
N PRO B 140 4.84 7.15 3.21
CA PRO B 140 3.88 7.27 4.31
C PRO B 140 2.50 6.65 4.04
N ALA B 141 2.21 6.32 2.79
CA ALA B 141 0.93 5.75 2.43
C ALA B 141 0.88 4.24 2.67
N LEU B 142 2.05 3.64 3.01
CA LEU B 142 2.13 2.26 3.45
C LEU B 142 1.95 2.18 4.97
N THR B 143 1.83 0.97 5.49
CA THR B 143 1.50 0.78 6.89
C THR B 143 2.44 -0.28 7.38
N ILE B 144 2.57 -0.37 8.70
CA ILE B 144 3.34 -1.44 9.28
C ILE B 144 2.83 -2.84 8.90
N ARG B 145 1.52 -2.98 8.76
CA ARG B 145 0.93 -4.25 8.34
C ARG B 145 1.44 -4.66 6.93
N THR B 146 1.51 -3.69 6.02
CA THR B 146 1.97 -4.07 4.69
C THR B 146 3.42 -4.44 4.68
N ALA B 147 4.25 -3.85 5.53
CA ALA B 147 5.60 -4.32 5.68
C ALA B 147 5.66 -5.77 6.23
N LEU B 148 4.78 -6.11 7.19
CA LEU B 148 4.76 -7.46 7.74
C LEU B 148 4.36 -8.45 6.67
N LEU B 149 3.35 -8.07 5.87
CA LEU B 149 2.85 -8.87 4.75
C LEU B 149 3.92 -9.13 3.69
N SER B 150 4.73 -8.10 3.42
CA SER B 150 5.87 -8.18 2.50
C SER B 150 7.01 -9.11 3.02
N ILE B 151 7.27 -9.08 4.32
CA ILE B 151 8.25 -9.96 4.92
C ILE B 151 7.74 -11.42 4.87
N GLN B 152 6.46 -11.59 5.16
CA GLN B 152 5.86 -12.86 5.02
C GLN B 152 5.98 -13.40 3.61
N ALA B 153 5.71 -12.56 2.60
CA ALA B 153 5.89 -12.90 1.19
C ALA B 153 7.34 -13.33 0.88
N MET B 154 8.30 -12.64 1.46
CA MET B 154 9.68 -12.98 1.27
C MET B 154 10.04 -14.39 1.80
N LEU B 155 9.37 -14.82 2.85
CA LEU B 155 9.46 -16.16 3.37
C LEU B 155 8.98 -17.23 2.34
N ALA B 156 7.88 -16.93 1.63
CA ALA B 156 7.33 -17.74 0.56
C ALA B 156 8.19 -17.71 -0.69
N ASP B 157 9.07 -16.73 -0.84
CA ASP B 157 9.90 -16.60 -2.02
C ASP B 157 11.32 -16.05 -1.79
N PRO B 158 12.25 -16.90 -1.28
CA PRO B 158 13.63 -16.47 -1.02
C PRO B 158 14.38 -16.16 -2.30
N VAL B 159 15.28 -15.17 -2.23
CA VAL B 159 16.09 -14.79 -3.37
C VAL B 159 17.57 -14.95 -3.01
N PRO B 160 18.15 -16.13 -3.28
CA PRO B 160 19.55 -16.41 -2.99
C PRO B 160 20.52 -15.53 -3.78
N THR B 161 20.05 -15.01 -4.90
CA THR B 161 20.93 -14.21 -5.81
C THR B 161 21.23 -12.77 -5.37
N ASP B 162 20.33 -12.16 -4.60
CA ASP B 162 20.76 -11.04 -3.76
C ASP B 162 20.46 -11.27 -2.27
N PRO B 163 21.47 -11.81 -1.55
CA PRO B 163 21.29 -12.36 -0.21
C PRO B 163 21.69 -11.42 0.89
N GLN B 164 21.16 -11.69 2.08
CA GLN B 164 21.56 -11.02 3.30
C GLN B 164 22.48 -11.95 4.13
N ASP B 165 22.33 -13.26 3.92
CA ASP B 165 23.20 -14.29 4.52
C ASP B 165 23.90 -15.11 3.41
N ALA B 166 25.22 -14.91 3.27
CA ALA B 166 26.02 -15.49 2.17
C ALA B 166 26.10 -17.01 2.35
N GLU B 167 26.37 -17.41 3.59
CA GLU B 167 26.38 -18.80 4.00
C GLU B 167 25.04 -19.47 3.67
N VAL B 168 23.91 -18.86 4.04
CA VAL B 168 22.59 -19.45 3.67
C VAL B 168 22.34 -19.50 2.13
N ALA B 169 22.67 -18.41 1.42
CA ALA B 169 22.47 -18.36 -0.05
C ALA B 169 23.37 -19.39 -0.77
N LYS B 170 24.63 -19.51 -0.36
CA LYS B 170 25.52 -20.60 -0.86
C LYS B 170 24.86 -21.97 -0.73
N MET B 171 24.43 -22.31 0.47
CA MET B 171 23.72 -23.55 0.66
C MET B 171 22.48 -23.70 -0.21
N MET B 172 21.64 -22.66 -0.28
CA MET B 172 20.45 -22.70 -1.13
C MET B 172 20.78 -23.00 -2.62
N ILE B 173 21.89 -22.42 -3.08
CA ILE B 173 22.31 -22.48 -4.49
C ILE B 173 22.92 -23.89 -4.76
N GLU B 174 24.00 -24.18 -4.04
CA GLU B 174 24.77 -25.39 -4.24
C GLU B 174 24.20 -26.66 -3.67
N ASN B 175 23.34 -26.55 -2.68
CA ASN B 175 22.86 -27.71 -2.01
C ASN B 175 21.47 -27.48 -1.54
N HIS B 176 20.56 -27.26 -2.50
CA HIS B 176 19.21 -26.89 -2.21
C HIS B 176 18.49 -27.85 -1.26
N PRO B 177 18.57 -29.19 -1.46
CA PRO B 177 17.89 -30.04 -0.45
C PRO B 177 18.43 -29.89 0.99
N LEU B 178 19.73 -29.63 1.15
CA LEU B 178 20.29 -29.33 2.47
C LEU B 178 19.68 -28.05 3.03
N PHE B 179 19.49 -27.05 2.15
CA PHE B 179 18.88 -25.77 2.52
C PHE B 179 17.50 -25.99 3.05
N VAL B 180 16.69 -26.73 2.32
CA VAL B 180 15.30 -26.95 2.76
C VAL B 180 15.30 -27.69 4.08
N GLN B 181 16.23 -28.63 4.23
CA GLN B 181 16.23 -29.51 5.39
C GLN B 181 16.55 -28.68 6.63
N THR B 182 17.59 -27.88 6.50
CA THR B 182 18.06 -26.94 7.51
C THR B 182 16.98 -25.87 7.87
N ALA B 183 16.32 -25.31 6.86
CA ALA B 183 15.37 -24.25 7.10
C ALA B 183 14.21 -24.81 7.90
N LYS B 184 13.84 -26.04 7.61
CA LYS B 184 12.79 -26.74 8.37
C LYS B 184 13.21 -27.16 9.79
N LEU B 185 14.44 -27.60 9.95
CA LEU B 185 15.01 -27.89 11.27
C LEU B 185 14.99 -26.64 12.19
N TRP B 186 15.37 -25.48 11.64
CA TRP B 186 15.30 -24.23 12.37
C TRP B 186 13.90 -23.76 12.62
N THR B 187 12.96 -24.04 11.74
CA THR B 187 11.57 -23.72 12.02
C THR B 187 11.14 -24.53 13.26
N GLU B 188 11.35 -25.83 13.19
CA GLU B 188 11.11 -26.78 14.30
C GLU B 188 11.81 -26.39 15.57
N THR B 189 13.04 -25.92 15.48
CA THR B 189 13.78 -25.61 16.69
C THR B 189 13.48 -24.25 17.37
N PHE B 190 13.27 -23.20 16.56
CA PHE B 190 13.23 -21.86 17.07
C PHE B 190 11.82 -21.30 17.00
N ALA B 191 11.03 -21.79 16.05
CA ALA B 191 9.77 -21.15 15.71
C ALA B 191 8.56 -21.96 16.09
N LYS B 192 8.76 -23.11 16.73
CA LYS B 192 7.63 -23.98 17.19
C LYS B 192 7.82 -24.36 18.66
C1 GOL C . -12.82 17.02 -18.36
O1 GOL C . -13.64 16.50 -19.39
C2 GOL C . -13.73 17.27 -17.16
O2 GOL C . -13.63 18.58 -16.69
C3 GOL C . -13.45 16.30 -16.02
O3 GOL C . -13.72 16.79 -14.72
UNK UNX D . 15.89 -20.16 21.96
#